data_3FGD
#
_entry.id   3FGD
#
_cell.length_a   92.600
_cell.length_b   92.600
_cell.length_c   128.673
_cell.angle_alpha   90.00
_cell.angle_beta   90.00
_cell.angle_gamma   120.00
#
_symmetry.space_group_name_H-M   'P 61 2 2'
#
loop_
_entity.id
_entity.type
_entity.pdbx_description
1 polymer Thermolysin
2 non-polymer 'CALCIUM ION'
3 non-polymer 'ZINC ION'
4 non-polymer N-(phenylcarbonyl)-beta-alanine
5 non-polymer 'DIMETHYL SULFOXIDE'
6 non-polymer GLYCEROL
7 water water
#
_entity_poly.entity_id   1
_entity_poly.type   'polypeptide(L)'
_entity_poly.pdbx_seq_one_letter_code
;ITGTSTVGVGRGVLGDQKNINTTYSTYYYLQDNTRGNGIFTYDAKYRTTLPGSLWADADNQFFASYDAPAVDAHYYAGVT
YDYYKNVHNRLSYDGNNAAIRSSVHYSQGYNNAFWNGSQMVYGDGDGQTFIPLSGGIDVVAHELTHAVTDYTAGLIYQNE
SGAINEAISDIFGTLVEFYANKNPDWEIGEDVYTPGISGDSLRSMSDPAKYGDPDHYSKRYTGTQDNGGVHINSGIINKA
AYLISQGGTHYGVSVVGIGRDKLGKIFYRALTQYLTPTSNFSQLRAAAVQSATDLYGSTSQEVASVKQAFDAVGVK
;
_entity_poly.pdbx_strand_id   A
#
loop_
_chem_comp.id
_chem_comp.type
_chem_comp.name
_chem_comp.formula
BYA non-polymer N-(phenylcarbonyl)-beta-alanine 'C10 H11 N O3'
CA non-polymer 'CALCIUM ION' 'Ca 2'
DMS non-polymer 'DIMETHYL SULFOXIDE' 'C2 H6 O S'
GOL non-polymer GLYCEROL 'C3 H8 O3'
ZN non-polymer 'ZINC ION' 'Zn 2'
#
# COMPACT_ATOMS: atom_id res chain seq x y z
N ILE A 1 3.60 25.54 -2.91
CA ILE A 1 3.98 26.97 -2.87
C ILE A 1 5.32 27.20 -3.53
N THR A 2 5.59 28.43 -3.95
CA THR A 2 6.92 28.77 -4.44
C THR A 2 7.84 29.05 -3.27
N GLY A 3 9.02 28.45 -3.31
CA GLY A 3 10.03 28.68 -2.30
C GLY A 3 11.32 27.96 -2.60
N THR A 4 12.15 27.76 -1.57
CA THR A 4 13.42 27.05 -1.86
C THR A 4 13.40 25.72 -1.11
N SER A 5 14.02 24.74 -1.76
CA SER A 5 14.04 23.41 -1.20
C SER A 5 15.00 23.30 -0.01
N THR A 6 14.52 22.70 1.07
CA THR A 6 15.25 22.63 2.33
C THR A 6 15.12 21.23 2.89
N VAL A 7 15.81 20.93 3.96
CA VAL A 7 15.81 19.59 4.57
C VAL A 7 15.56 19.77 6.07
N GLY A 8 14.38 19.35 6.50
CA GLY A 8 14.03 19.37 7.91
C GLY A 8 14.37 18.06 8.56
N VAL A 9 14.18 18.02 9.88
CA VAL A 9 14.47 16.80 10.62
C VAL A 9 13.36 16.59 11.65
N GLY A 10 12.97 15.36 11.92
CA GLY A 10 11.92 15.19 12.93
C GLY A 10 11.88 13.72 13.36
N ARG A 11 10.85 13.37 14.11
CA ARG A 11 10.65 11.99 14.51
C ARG A 11 9.28 11.52 14.01
N GLY A 12 9.23 10.26 13.56
CA GLY A 12 7.98 9.67 13.17
C GLY A 12 7.19 9.09 14.34
N VAL A 13 6.06 8.45 14.01
CA VAL A 13 5.11 7.89 14.97
C VAL A 13 5.74 6.90 15.95
N LEU A 14 6.72 6.14 15.44
CA LEU A 14 7.39 5.13 16.28
C LEU A 14 8.64 5.68 16.96
N GLY A 15 8.90 6.98 16.85
CA GLY A 15 10.00 7.58 17.62
C GLY A 15 11.33 7.60 16.90
N ASP A 16 11.33 7.25 15.60
CA ASP A 16 12.55 7.21 14.79
C ASP A 16 12.82 8.56 14.15
N GLN A 17 14.11 9.00 14.21
CA GLN A 17 14.46 10.27 13.59
C GLN A 17 14.67 10.09 12.10
N LYS A 18 14.19 11.05 11.31
CA LYS A 18 14.43 11.00 9.86
C LYS A 18 14.47 12.42 9.31
N ASN A 19 15.17 12.54 8.20
CA ASN A 19 15.20 13.80 7.46
C ASN A 19 14.02 13.83 6.49
N ILE A 20 13.49 15.02 6.29
N ILE A 20 13.46 15.01 6.29
CA ILE A 20 12.38 15.17 5.32
CA ILE A 20 12.31 15.21 5.37
C ILE A 20 12.63 16.37 4.43
C ILE A 20 12.54 16.41 4.46
N ASN A 21 12.12 16.27 3.20
CA ASN A 21 12.32 17.35 2.24
C ASN A 21 11.20 18.38 2.43
N THR A 22 11.58 19.63 2.66
CA THR A 22 10.63 20.72 2.92
C THR A 22 10.88 21.86 1.94
N THR A 23 10.01 22.87 2.02
CA THR A 23 10.08 24.07 1.20
C THR A 23 9.99 25.28 2.10
N TYR A 24 10.93 26.21 1.99
CA TYR A 24 10.90 27.41 2.79
C TYR A 24 10.37 28.62 2.02
N SER A 25 9.36 29.23 2.65
CA SER A 25 8.85 30.54 2.24
C SER A 25 8.13 31.08 3.47
N THR A 26 8.84 31.86 4.27
CA THR A 26 8.44 32.33 5.60
C THR A 26 8.33 31.19 6.62
N TYR A 27 7.52 30.18 6.34
CA TYR A 27 7.48 28.94 7.12
C TYR A 27 8.18 27.86 6.31
N TYR A 28 8.48 26.75 6.96
CA TYR A 28 8.90 25.50 6.33
C TYR A 28 7.70 24.61 6.13
N TYR A 29 7.44 24.30 4.88
CA TYR A 29 6.25 23.50 4.53
C TYR A 29 6.64 22.08 4.20
N LEU A 30 5.74 21.15 4.48
CA LEU A 30 5.96 19.75 4.05
C LEU A 30 5.62 19.63 2.56
N GLN A 31 6.60 20.05 1.78
CA GLN A 31 6.52 20.10 0.32
C GLN A 31 7.90 19.65 -0.17
N ASP A 32 7.96 18.44 -0.72
CA ASP A 32 9.18 17.80 -1.21
C ASP A 32 9.27 18.01 -2.71
N ASN A 33 10.21 18.89 -3.12
CA ASN A 33 10.29 19.23 -4.54
C ASN A 33 11.22 18.26 -5.27
N THR A 34 11.74 17.27 -4.57
CA THR A 34 12.79 16.43 -5.17
C THR A 34 12.23 15.25 -5.97
N ARG A 35 10.93 15.01 -5.84
CA ARG A 35 10.25 13.89 -6.45
C ARG A 35 9.09 14.37 -7.30
N GLY A 36 9.24 14.15 -8.61
CA GLY A 36 8.19 14.52 -9.54
C GLY A 36 7.71 15.95 -9.42
N ASN A 37 6.39 16.12 -9.48
CA ASN A 37 5.81 17.43 -9.35
C ASN A 37 5.56 17.76 -7.89
N GLY A 38 6.12 17.02 -6.94
CA GLY A 38 6.11 17.33 -5.53
C GLY A 38 5.33 16.32 -4.72
N ILE A 39 5.68 16.22 -3.44
CA ILE A 39 4.95 15.50 -2.43
C ILE A 39 4.53 16.54 -1.39
N PHE A 40 3.23 16.58 -1.10
CA PHE A 40 2.64 17.65 -0.31
C PHE A 40 1.86 17.03 0.84
N THR A 41 2.17 17.40 2.06
CA THR A 41 1.48 16.82 3.25
C THR A 41 0.74 17.91 4.00
N TYR A 42 -0.50 17.63 4.32
CA TYR A 42 -1.46 18.58 4.87
C TYR A 42 -1.93 18.21 6.27
N ASP A 43 -2.34 19.23 7.04
CA ASP A 43 -2.95 19.01 8.34
C ASP A 43 -4.47 19.12 8.21
N ALA A 44 -5.22 18.05 8.48
CA ALA A 44 -6.66 18.14 8.55
C ALA A 44 -7.16 18.59 9.91
N LYS A 45 -6.30 18.76 10.93
CA LYS A 45 -6.62 19.43 12.19
C LYS A 45 -7.81 18.80 12.90
N TYR A 46 -7.91 17.48 12.81
CA TYR A 46 -8.94 16.68 13.49
C TYR A 46 -10.31 16.85 12.86
N ARG A 47 -10.37 17.55 11.72
CA ARG A 47 -11.67 17.71 11.02
C ARG A 47 -11.68 16.79 9.81
N THR A 48 -12.77 16.87 9.04
CA THR A 48 -12.96 15.97 7.90
C THR A 48 -13.03 16.73 6.58
N THR A 49 -12.74 18.03 6.63
N THR A 49 -12.76 18.03 6.58
CA THR A 49 -12.53 18.80 5.42
CA THR A 49 -12.67 18.79 5.33
C THR A 49 -11.17 18.45 4.82
C THR A 49 -11.24 18.68 4.76
N LEU A 50 -11.16 18.24 3.50
CA LEU A 50 -9.92 17.87 2.85
C LEU A 50 -9.56 18.81 1.73
N PRO A 51 -8.25 19.04 1.51
CA PRO A 51 -7.17 18.40 2.22
C PRO A 51 -6.81 19.02 3.56
N GLY A 52 -7.34 20.20 3.84
CA GLY A 52 -6.89 20.95 4.98
C GLY A 52 -5.77 21.92 4.61
N SER A 53 -4.85 22.22 5.50
CA SER A 53 -3.81 23.23 5.25
CA SER A 53 -3.83 23.25 5.21
C SER A 53 -2.45 22.62 4.98
N LEU A 54 -1.73 23.10 3.98
CA LEU A 54 -0.37 22.56 3.71
C LEU A 54 0.42 22.72 4.98
N TRP A 55 1.11 21.66 5.42
CA TRP A 55 1.68 21.67 6.77
C TRP A 55 2.79 22.70 6.84
N ALA A 56 2.70 23.61 7.79
CA ALA A 56 3.61 24.71 8.01
C ALA A 56 4.25 24.60 9.40
N ASP A 57 5.56 24.82 9.45
CA ASP A 57 6.34 24.72 10.66
C ASP A 57 7.33 25.88 10.69
N ALA A 58 7.47 26.48 11.87
CA ALA A 58 8.29 27.69 11.99
C ALA A 58 9.78 27.43 11.88
N ASP A 59 10.30 26.29 12.34
CA ASP A 59 11.76 26.14 12.42
C ASP A 59 12.30 24.90 11.71
N ASN A 60 11.53 24.14 10.96
CA ASN A 60 12.06 23.03 10.17
C ASN A 60 12.49 21.87 11.06
N GLN A 61 12.03 21.85 12.33
CA GLN A 61 12.24 20.71 13.21
C GLN A 61 10.88 20.12 13.56
N PHE A 62 10.74 18.80 13.43
CA PHE A 62 9.39 18.18 13.52
C PHE A 62 9.42 17.09 14.57
N PHE A 63 9.70 17.50 15.82
CA PHE A 63 9.84 16.54 16.89
C PHE A 63 8.66 16.55 17.85
N ALA A 64 7.61 17.36 17.59
CA ALA A 64 6.45 17.38 18.46
C ALA A 64 5.63 16.11 18.24
N SER A 65 4.96 15.67 19.30
N SER A 65 4.94 15.66 19.30
CA SER A 65 4.08 14.50 19.08
CA SER A 65 4.06 14.50 19.07
C SER A 65 3.06 14.76 17.98
C SER A 65 3.06 14.76 17.95
N TYR A 66 2.54 16.00 17.93
CA TYR A 66 1.55 16.33 16.86
C TYR A 66 2.16 16.23 15.49
N ASP A 67 3.46 16.41 15.34
CA ASP A 67 4.16 16.40 14.05
C ASP A 67 4.37 14.97 13.51
N ALA A 68 4.44 13.98 14.43
CA ALA A 68 4.88 12.66 14.01
C ALA A 68 4.10 12.07 12.85
N PRO A 69 2.77 12.10 12.81
CA PRO A 69 2.05 11.48 11.69
C PRO A 69 2.37 12.17 10.38
N ALA A 70 2.64 13.48 10.43
CA ALA A 70 2.97 14.19 9.20
C ALA A 70 4.33 13.81 8.66
N VAL A 71 5.30 13.70 9.57
CA VAL A 71 6.65 13.29 9.19
C VAL A 71 6.56 11.97 8.46
N ASP A 72 5.83 11.01 9.05
CA ASP A 72 5.82 9.68 8.41
C ASP A 72 5.01 9.62 7.14
N ALA A 73 3.87 10.31 7.06
CA ALA A 73 3.11 10.37 5.80
C ALA A 73 3.98 10.91 4.68
N HIS A 74 4.71 11.97 4.98
CA HIS A 74 5.53 12.66 3.99
C HIS A 74 6.70 11.79 3.56
N TYR A 75 7.41 11.25 4.57
CA TYR A 75 8.61 10.45 4.30
C TYR A 75 8.25 9.17 3.55
N TYR A 76 7.21 8.46 4.04
CA TYR A 76 6.85 7.18 3.41
C TYR A 76 6.20 7.41 2.05
N ALA A 77 5.54 8.52 1.78
CA ALA A 77 5.15 8.81 0.40
C ALA A 77 6.39 8.90 -0.47
N GLY A 78 7.49 9.49 0.03
CA GLY A 78 8.73 9.53 -0.72
C GLY A 78 9.28 8.17 -1.00
N VAL A 79 9.34 7.29 -0.01
CA VAL A 79 9.86 5.93 -0.21
C VAL A 79 9.03 5.22 -1.27
N THR A 80 7.69 5.38 -1.22
CA THR A 80 6.83 4.68 -2.16
C THR A 80 7.05 5.20 -3.58
N TYR A 81 7.20 6.52 -3.71
CA TYR A 81 7.57 7.12 -5.02
C TYR A 81 8.84 6.44 -5.51
N ASP A 82 9.86 6.38 -4.64
CA ASP A 82 11.16 5.85 -5.07
C ASP A 82 11.00 4.40 -5.50
N TYR A 83 10.20 3.61 -4.76
CA TYR A 83 9.99 2.22 -5.20
C TYR A 83 9.45 2.17 -6.60
N TYR A 84 8.35 2.90 -6.85
CA TYR A 84 7.75 2.78 -8.18
C TYR A 84 8.68 3.27 -9.27
N LYS A 85 9.46 4.33 -9.00
CA LYS A 85 10.33 4.86 -10.03
C LYS A 85 11.51 3.94 -10.25
N ASN A 86 12.15 3.48 -9.17
CA ASN A 86 13.42 2.76 -9.29
C ASN A 86 13.18 1.31 -9.68
N VAL A 87 12.06 0.72 -9.24
CA VAL A 87 11.84 -0.72 -9.46
C VAL A 87 10.99 -0.95 -10.71
N HIS A 88 10.02 -0.08 -10.98
CA HIS A 88 9.12 -0.28 -12.10
C HIS A 88 9.23 0.81 -13.16
N ASN A 89 10.14 1.76 -13.03
CA ASN A 89 10.22 2.87 -14.00
C ASN A 89 8.87 3.58 -14.15
N ARG A 90 8.13 3.76 -13.05
CA ARG A 90 6.86 4.47 -13.01
C ARG A 90 7.02 5.79 -12.24
N LEU A 91 6.65 6.89 -12.90
CA LEU A 91 6.81 8.21 -12.28
C LEU A 91 5.51 8.63 -11.61
N SER A 92 5.47 8.51 -10.30
CA SER A 92 4.24 8.75 -9.51
C SER A 92 3.10 7.83 -9.90
N TYR A 93 1.92 8.08 -9.35
CA TYR A 93 0.82 7.13 -9.49
C TYR A 93 0.19 7.20 -10.88
N ASP A 94 0.31 8.32 -11.58
CA ASP A 94 -0.28 8.41 -12.91
C ASP A 94 0.73 8.12 -14.02
N GLY A 95 1.98 7.84 -13.67
CA GLY A 95 3.01 7.62 -14.68
C GLY A 95 3.58 8.94 -15.26
N ASN A 96 3.05 10.10 -14.81
CA ASN A 96 3.48 11.38 -15.36
C ASN A 96 3.82 12.33 -14.21
N ASN A 97 4.30 11.79 -13.11
CA ASN A 97 4.79 12.60 -11.99
C ASN A 97 3.71 13.45 -11.33
N ALA A 98 2.47 12.98 -11.29
CA ALA A 98 1.44 13.70 -10.56
C ALA A 98 1.90 14.01 -9.15
N ALA A 99 1.60 15.19 -8.67
CA ALA A 99 1.82 15.57 -7.27
C ALA A 99 1.10 14.61 -6.33
N ILE A 100 1.77 14.23 -5.27
CA ILE A 100 1.24 13.28 -4.29
C ILE A 100 0.81 14.08 -3.09
N ARG A 101 -0.48 14.01 -2.74
CA ARG A 101 -1.01 14.75 -1.62
C ARG A 101 -1.50 13.81 -0.52
N SER A 102 -1.18 14.13 0.74
CA SER A 102 -1.62 13.37 1.90
C SER A 102 -2.16 14.30 2.98
N SER A 103 -3.21 13.89 3.70
CA SER A 103 -3.61 14.64 4.89
C SER A 103 -3.51 13.78 6.15
N VAL A 104 -3.03 14.33 7.25
CA VAL A 104 -2.99 13.58 8.51
C VAL A 104 -3.86 14.31 9.52
N HIS A 105 -4.03 13.69 10.69
CA HIS A 105 -4.98 14.16 11.72
C HIS A 105 -6.37 14.30 11.15
N TYR A 106 -6.76 13.32 10.33
CA TYR A 106 -8.13 13.34 9.84
C TYR A 106 -9.11 12.88 10.89
N SER A 107 -10.10 13.69 11.18
CA SER A 107 -11.16 13.33 12.14
C SER A 107 -10.60 13.16 13.55
N GLN A 108 -11.38 12.55 14.45
CA GLN A 108 -10.95 12.30 15.81
C GLN A 108 -11.00 10.80 16.10
N GLY A 109 -9.92 10.20 16.54
CA GLY A 109 -9.86 8.79 16.90
C GLY A 109 -10.16 7.88 15.71
N TYR A 110 -9.77 8.31 14.52
CA TYR A 110 -10.22 7.62 13.30
C TYR A 110 -9.32 6.41 13.03
N ASN A 111 -9.85 5.20 13.12
CA ASN A 111 -9.05 3.98 13.03
C ASN A 111 -8.96 3.53 11.59
N ASN A 112 -8.48 4.39 10.68
CA ASN A 112 -8.39 3.96 9.28
C ASN A 112 -7.58 4.97 8.48
N ALA A 113 -7.36 4.61 7.24
CA ALA A 113 -6.67 5.42 6.24
C ALA A 113 -7.33 5.08 4.90
N PHE A 114 -7.24 5.98 3.93
CA PHE A 114 -7.86 5.69 2.62
C PHE A 114 -7.28 6.59 1.55
N TRP A 115 -7.62 6.25 0.32
CA TRP A 115 -7.40 7.06 -0.87
C TRP A 115 -8.79 7.55 -1.30
N ASN A 116 -9.00 8.86 -1.43
CA ASN A 116 -10.34 9.37 -1.66
C ASN A 116 -10.61 9.67 -3.15
N GLY A 117 -9.78 9.17 -4.05
CA GLY A 117 -9.89 9.45 -5.48
C GLY A 117 -8.89 10.53 -5.89
N SER A 118 -8.36 11.27 -4.89
CA SER A 118 -7.48 12.37 -5.22
C SER A 118 -6.25 12.48 -4.30
N GLN A 119 -6.33 11.88 -3.11
CA GLN A 119 -5.25 12.03 -2.13
C GLN A 119 -5.35 10.94 -1.07
N MET A 120 -4.26 10.81 -0.34
N MET A 120 -4.24 10.73 -0.38
CA MET A 120 -4.14 9.96 0.83
CA MET A 120 -4.26 9.79 0.76
C MET A 120 -4.69 10.63 2.09
C MET A 120 -4.69 10.53 2.03
N VAL A 121 -5.37 9.87 2.95
CA VAL A 121 -5.91 10.42 4.18
C VAL A 121 -5.64 9.47 5.35
N TYR A 122 -5.13 9.99 6.46
CA TYR A 122 -4.76 9.13 7.60
C TYR A 122 -5.40 9.63 8.87
N GLY A 123 -6.10 8.70 9.53
CA GLY A 123 -6.55 8.96 10.89
C GLY A 123 -5.38 8.87 11.87
N ASP A 124 -5.68 9.32 13.11
CA ASP A 124 -4.75 9.17 14.22
C ASP A 124 -4.95 7.85 14.99
N GLY A 125 -6.03 7.13 14.70
CA GLY A 125 -6.41 5.99 15.56
C GLY A 125 -6.94 6.48 16.88
N ASP A 126 -7.48 5.53 17.64
CA ASP A 126 -8.00 5.87 18.95
C ASP A 126 -6.98 5.51 20.05
N GLY A 127 -5.80 5.07 19.64
CA GLY A 127 -4.77 4.80 20.61
C GLY A 127 -4.87 3.41 21.19
N GLN A 128 -5.95 2.72 20.89
CA GLN A 128 -6.11 1.34 21.37
C GLN A 128 -6.06 0.35 20.20
N THR A 129 -6.93 0.57 19.20
CA THR A 129 -6.95 -0.24 17.99
C THR A 129 -5.81 0.14 17.06
N PHE A 130 -5.62 1.46 16.91
CA PHE A 130 -4.53 1.94 16.08
C PHE A 130 -3.87 3.15 16.73
N ILE A 131 -2.62 3.35 16.42
CA ILE A 131 -1.93 4.64 16.57
C ILE A 131 -1.87 5.31 15.18
N PRO A 132 -1.36 6.53 15.00
CA PRO A 132 -1.54 7.23 13.71
C PRO A 132 -1.07 6.42 12.52
N LEU A 133 -1.96 6.27 11.51
CA LEU A 133 -1.82 5.15 10.59
C LEU A 133 -0.69 5.36 9.61
N SER A 134 -0.23 6.60 9.41
CA SER A 134 0.89 6.85 8.52
C SER A 134 2.18 6.30 9.11
N GLY A 135 2.18 5.82 10.37
CA GLY A 135 3.34 5.18 10.94
C GLY A 135 3.69 3.84 10.32
N GLY A 136 2.79 3.29 9.49
CA GLY A 136 3.04 2.02 8.81
C GLY A 136 3.38 2.27 7.35
N ILE A 137 4.63 1.91 6.97
CA ILE A 137 4.93 2.09 5.55
C ILE A 137 4.04 1.23 4.66
N ASP A 138 3.66 0.06 5.12
CA ASP A 138 2.78 -0.77 4.26
C ASP A 138 1.43 -0.11 4.10
N VAL A 139 0.94 0.63 5.09
CA VAL A 139 -0.33 1.36 4.98
C VAL A 139 -0.17 2.48 3.98
N VAL A 140 0.92 3.26 4.11
CA VAL A 140 1.10 4.38 3.14
C VAL A 140 1.17 3.85 1.74
N ALA A 141 1.98 2.81 1.51
CA ALA A 141 2.15 2.26 0.17
C ALA A 141 0.87 1.56 -0.31
N HIS A 142 0.09 0.93 0.56
CA HIS A 142 -1.22 0.35 0.24
C HIS A 142 -2.06 1.48 -0.33
N GLU A 143 -2.10 2.65 0.37
CA GLU A 143 -2.98 3.73 -0.10
C GLU A 143 -2.52 4.33 -1.43
N LEU A 144 -1.18 4.60 -1.53
CA LEU A 144 -0.72 5.15 -2.82
C LEU A 144 -0.97 4.18 -3.96
N THR A 145 -0.90 2.89 -3.66
CA THR A 145 -1.13 1.89 -4.73
C THR A 145 -2.59 1.89 -5.17
N HIS A 146 -3.56 2.31 -4.33
CA HIS A 146 -4.91 2.49 -4.85
C HIS A 146 -4.89 3.54 -5.96
N ALA A 147 -4.10 4.59 -5.86
CA ALA A 147 -4.04 5.58 -6.91
C ALA A 147 -3.44 4.98 -8.17
N VAL A 148 -2.37 4.16 -8.03
CA VAL A 148 -1.81 3.45 -9.20
C VAL A 148 -2.85 2.59 -9.88
N THR A 149 -3.57 1.79 -9.09
CA THR A 149 -4.63 0.96 -9.70
C THR A 149 -5.68 1.79 -10.40
N ASP A 150 -6.10 2.87 -9.78
CA ASP A 150 -7.16 3.68 -10.36
C ASP A 150 -6.72 4.24 -11.71
N TYR A 151 -5.41 4.55 -11.86
CA TYR A 151 -4.90 5.11 -13.14
C TYR A 151 -4.54 4.03 -14.15
N THR A 152 -4.54 2.76 -13.74
CA THR A 152 -4.08 1.68 -14.63
C THR A 152 -5.25 0.72 -14.86
N ALA A 153 -5.29 -0.42 -14.23
CA ALA A 153 -6.35 -1.40 -14.44
C ALA A 153 -7.73 -0.84 -14.14
N GLY A 154 -7.82 0.01 -13.09
CA GLY A 154 -9.13 0.62 -12.82
C GLY A 154 -10.13 -0.35 -12.22
N LEU A 155 -9.65 -1.37 -11.54
CA LEU A 155 -10.49 -2.42 -10.95
C LEU A 155 -11.61 -1.83 -10.11
N ILE A 156 -12.86 -2.16 -10.47
CA ILE A 156 -14.04 -1.69 -9.77
CA ILE A 156 -14.02 -1.64 -9.76
C ILE A 156 -14.02 -2.16 -8.33
N TYR A 157 -14.38 -1.34 -7.35
CA TYR A 157 -14.18 -1.70 -5.95
C TYR A 157 -15.38 -2.45 -5.38
N GLN A 158 -15.66 -3.62 -5.94
CA GLN A 158 -16.76 -4.47 -5.52
C GLN A 158 -16.43 -5.90 -5.90
N ASN A 159 -16.85 -6.88 -5.09
CA ASN A 159 -16.80 -8.27 -5.51
C ASN A 159 -15.42 -8.69 -5.95
N GLU A 160 -15.21 -9.56 -6.94
CA GLU A 160 -13.88 -10.08 -7.18
C GLU A 160 -12.94 -9.01 -7.71
N SER A 161 -13.37 -8.10 -8.58
CA SER A 161 -12.45 -7.08 -9.04
C SER A 161 -12.00 -6.22 -7.88
N GLY A 162 -12.89 -5.97 -6.93
CA GLY A 162 -12.51 -5.16 -5.76
C GLY A 162 -11.53 -5.87 -4.83
N ALA A 163 -11.71 -7.20 -4.69
CA ALA A 163 -10.76 -7.98 -3.89
C ALA A 163 -9.42 -8.02 -4.59
N ILE A 164 -9.39 -8.01 -5.92
CA ILE A 164 -8.08 -7.88 -6.59
C ILE A 164 -7.51 -6.50 -6.32
N ASN A 165 -8.28 -5.43 -6.42
CA ASN A 165 -7.81 -4.05 -6.13
C ASN A 165 -7.15 -4.05 -4.76
N GLU A 166 -7.89 -4.59 -3.77
CA GLU A 166 -7.34 -4.69 -2.43
C GLU A 166 -6.02 -5.45 -2.32
N ALA A 167 -5.98 -6.65 -2.95
CA ALA A 167 -4.75 -7.45 -2.89
C ALA A 167 -3.60 -6.77 -3.58
N ILE A 168 -3.84 -6.09 -4.70
CA ILE A 168 -2.76 -5.32 -5.33
C ILE A 168 -2.21 -4.32 -4.33
N SER A 169 -3.06 -3.63 -3.57
CA SER A 169 -2.52 -2.68 -2.58
C SER A 169 -1.80 -3.37 -1.45
N ASP A 170 -2.22 -4.57 -1.00
CA ASP A 170 -1.48 -5.26 0.03
C ASP A 170 -0.14 -5.80 -0.50
N ILE A 171 -0.17 -6.29 -1.74
CA ILE A 171 1.05 -6.83 -2.36
C ILE A 171 2.10 -5.72 -2.47
N PHE A 172 1.72 -4.58 -3.10
CA PHE A 172 2.76 -3.56 -3.29
C PHE A 172 3.03 -2.82 -1.98
N GLY A 173 2.07 -2.75 -1.06
CA GLY A 173 2.36 -2.21 0.27
C GLY A 173 3.48 -3.02 0.91
N THR A 174 3.37 -4.33 0.78
CA THR A 174 4.38 -5.25 1.33
C THR A 174 5.70 -5.14 0.56
N LEU A 175 5.68 -5.07 -0.77
CA LEU A 175 6.97 -4.97 -1.48
C LEU A 175 7.66 -3.65 -1.20
N VAL A 176 6.92 -2.55 -0.99
CA VAL A 176 7.53 -1.30 -0.52
C VAL A 176 8.11 -1.45 0.88
N GLU A 177 7.42 -2.12 1.79
CA GLU A 177 7.98 -2.37 3.13
C GLU A 177 9.29 -3.18 3.02
N PHE A 178 9.35 -4.19 2.16
CA PHE A 178 10.65 -4.88 1.94
C PHE A 178 11.69 -3.98 1.28
N TYR A 179 11.29 -3.14 0.33
CA TYR A 179 12.23 -2.20 -0.30
C TYR A 179 12.90 -1.31 0.72
N ALA A 180 12.13 -0.76 1.65
CA ALA A 180 12.67 0.09 2.72
C ALA A 180 13.48 -0.71 3.74
N ASN A 181 13.15 -1.99 3.91
CA ASN A 181 13.96 -2.96 4.67
C ASN A 181 14.13 -2.65 6.14
N LYS A 182 13.05 -2.20 6.76
CA LYS A 182 12.93 -2.03 8.20
C LYS A 182 11.84 -3.00 8.68
N ASN A 183 12.25 -4.05 9.37
CA ASN A 183 11.34 -5.07 9.91
C ASN A 183 10.30 -5.53 8.91
N PRO A 184 10.68 -5.92 7.72
CA PRO A 184 9.67 -6.25 6.70
C PRO A 184 9.01 -7.61 6.99
N ASP A 185 7.78 -7.74 6.53
CA ASP A 185 7.01 -9.00 6.74
C ASP A 185 5.89 -9.05 5.71
N TRP A 186 5.12 -10.12 5.75
CA TRP A 186 3.96 -10.32 4.86
C TRP A 186 2.68 -10.12 5.63
N GLU A 187 2.73 -9.30 6.69
CA GLU A 187 1.56 -8.88 7.47
C GLU A 187 1.21 -7.44 7.10
N ILE A 188 -0.05 -7.06 7.33
CA ILE A 188 -0.48 -5.69 6.94
C ILE A 188 -0.89 -4.87 8.15
N GLY A 189 -0.18 -3.74 8.37
CA GLY A 189 -0.54 -2.79 9.42
C GLY A 189 0.06 -3.03 10.78
N GLU A 190 0.97 -4.02 10.94
CA GLU A 190 1.49 -4.38 12.25
C GLU A 190 2.17 -3.24 12.95
N ASP A 191 2.77 -2.28 12.27
CA ASP A 191 3.51 -1.24 13.00
C ASP A 191 2.59 -0.25 13.70
N VAL A 192 1.33 -0.18 13.28
CA VAL A 192 0.42 0.80 13.86
C VAL A 192 -0.80 0.19 14.55
N TYR A 193 -0.94 -1.14 14.50
CA TYR A 193 -2.11 -1.81 15.06
C TYR A 193 -1.87 -2.21 16.50
N THR A 194 -2.88 -2.00 17.32
CA THR A 194 -2.95 -2.47 18.69
C THR A 194 -1.63 -2.38 19.46
N PRO A 195 -1.28 -1.17 19.86
CA PRO A 195 -0.01 -0.99 20.60
C PRO A 195 0.03 -1.80 21.88
N GLY A 196 -1.09 -2.22 22.47
CA GLY A 196 -1.00 -3.09 23.66
C GLY A 196 -0.78 -4.59 23.39
N ILE A 197 -0.72 -5.03 22.14
CA ILE A 197 -0.60 -6.43 21.76
C ILE A 197 0.51 -6.69 20.76
N SER A 198 1.53 -7.50 21.06
CA SER A 198 2.59 -7.67 20.06
CA SER A 198 2.62 -7.72 20.12
C SER A 198 2.28 -8.82 19.13
N GLY A 199 2.82 -8.66 17.94
CA GLY A 199 2.83 -9.72 16.95
C GLY A 199 1.57 -9.90 16.14
N ASP A 200 0.60 -8.99 16.24
CA ASP A 200 -0.63 -9.10 15.43
C ASP A 200 -0.61 -8.05 14.32
N SER A 201 -1.65 -8.09 13.52
CA SER A 201 -1.78 -7.18 12.40
C SER A 201 -3.23 -7.16 11.94
N LEU A 202 -3.58 -6.32 11.01
CA LEU A 202 -4.96 -6.28 10.49
C LEU A 202 -5.27 -7.42 9.56
N ARG A 203 -4.32 -7.76 8.68
CA ARG A 203 -4.46 -8.90 7.77
C ARG A 203 -3.12 -9.59 7.69
N SER A 204 -3.12 -10.83 7.25
CA SER A 204 -1.90 -11.55 6.99
C SER A 204 -1.92 -12.06 5.54
N MET A 205 -0.85 -11.88 4.77
CA MET A 205 -0.78 -12.47 3.42
C MET A 205 -0.27 -13.90 3.48
N SER A 206 0.57 -14.18 4.50
CA SER A 206 1.13 -15.51 4.60
C SER A 206 0.11 -16.52 5.12
N ASP A 207 -0.83 -16.06 5.95
CA ASP A 207 -1.87 -16.96 6.48
C ASP A 207 -3.11 -16.08 6.70
N PRO A 208 -3.84 -15.77 5.62
CA PRO A 208 -5.00 -14.90 5.77
C PRO A 208 -5.99 -15.41 6.81
N ALA A 209 -6.02 -16.73 6.99
CA ALA A 209 -7.01 -17.32 7.89
C ALA A 209 -6.82 -16.93 9.35
N LYS A 210 -5.63 -16.48 9.70
CA LYS A 210 -5.34 -16.03 11.07
C LYS A 210 -6.29 -14.96 11.55
N TYR A 211 -6.80 -14.16 10.60
CA TYR A 211 -7.75 -13.10 10.96
C TYR A 211 -9.08 -13.30 10.27
N GLY A 212 -9.45 -14.54 9.95
CA GLY A 212 -10.79 -14.86 9.47
C GLY A 212 -10.93 -14.62 7.97
N ASP A 213 -9.81 -14.44 7.24
CA ASP A 213 -9.97 -14.20 5.79
C ASP A 213 -9.70 -15.51 5.04
N PRO A 214 -10.39 -15.71 3.91
CA PRO A 214 -10.24 -16.95 3.15
C PRO A 214 -8.87 -17.08 2.52
N ASP A 215 -8.45 -18.34 2.39
CA ASP A 215 -7.17 -18.62 1.74
C ASP A 215 -7.40 -19.64 0.63
N HIS A 216 -8.63 -19.76 0.15
CA HIS A 216 -9.00 -20.68 -0.93
C HIS A 216 -10.30 -20.19 -1.51
N TYR A 217 -10.48 -20.28 -2.83
CA TYR A 217 -11.72 -19.83 -3.47
C TYR A 217 -12.97 -20.49 -2.92
N SER A 218 -12.89 -21.76 -2.46
CA SER A 218 -14.05 -22.40 -1.91
C SER A 218 -14.53 -21.75 -0.64
N LYS A 219 -13.75 -20.85 -0.04
CA LYS A 219 -14.13 -20.16 1.17
C LYS A 219 -14.48 -18.70 0.92
N ARG A 220 -14.68 -18.37 -0.37
CA ARG A 220 -14.91 -16.97 -0.66
C ARG A 220 -16.20 -16.49 -0.01
N TYR A 221 -16.20 -15.22 0.33
CA TYR A 221 -17.40 -14.58 0.92
C TYR A 221 -18.28 -14.08 -0.22
N THR A 222 -19.58 -14.32 -0.27
CA THR A 222 -20.47 -13.88 -1.32
C THR A 222 -21.61 -13.00 -0.84
N GLY A 223 -21.53 -12.52 0.41
CA GLY A 223 -22.51 -11.57 0.92
C GLY A 223 -22.20 -10.15 0.50
N THR A 224 -22.91 -9.19 1.05
CA THR A 224 -22.86 -7.82 0.60
C THR A 224 -22.02 -6.95 1.50
N GLN A 225 -21.61 -7.41 2.68
CA GLN A 225 -20.81 -6.53 3.50
C GLN A 225 -19.52 -6.16 2.81
N ASP A 226 -18.93 -5.01 3.15
CA ASP A 226 -17.59 -4.67 2.72
C ASP A 226 -17.47 -4.71 1.21
N ASN A 227 -18.45 -4.13 0.52
CA ASN A 227 -18.49 -4.07 -0.95
C ASN A 227 -18.38 -5.44 -1.53
N GLY A 228 -19.02 -6.42 -0.90
CA GLY A 228 -18.87 -7.79 -1.36
C GLY A 228 -17.57 -8.44 -0.94
N GLY A 229 -17.05 -8.09 0.24
CA GLY A 229 -15.88 -8.76 0.76
C GLY A 229 -14.56 -8.31 0.20
N VAL A 230 -14.40 -7.04 -0.22
CA VAL A 230 -13.08 -6.73 -0.87
C VAL A 230 -11.90 -6.86 0.08
N HIS A 231 -12.05 -6.63 1.42
CA HIS A 231 -10.94 -6.81 2.35
C HIS A 231 -10.90 -8.20 2.94
N ILE A 232 -11.82 -9.06 2.48
CA ILE A 232 -11.95 -10.44 2.98
C ILE A 232 -11.40 -11.37 1.90
N ASN A 233 -12.02 -11.37 0.72
CA ASN A 233 -11.61 -12.18 -0.42
C ASN A 233 -10.24 -11.79 -0.95
N SER A 234 -9.75 -10.59 -0.61
CA SER A 234 -8.36 -10.28 -0.95
C SER A 234 -7.42 -11.33 -0.35
N GLY A 235 -7.77 -12.05 0.71
CA GLY A 235 -6.89 -13.08 1.25
C GLY A 235 -6.58 -14.17 0.25
N ILE A 236 -7.51 -14.50 -0.66
CA ILE A 236 -7.27 -15.58 -1.63
C ILE A 236 -6.12 -15.19 -2.56
N ILE A 237 -6.14 -13.92 -2.99
CA ILE A 237 -5.10 -13.45 -3.91
C ILE A 237 -3.82 -13.14 -3.14
N ASN A 238 -3.95 -12.58 -1.94
CA ASN A 238 -2.74 -12.32 -1.15
C ASN A 238 -1.97 -13.59 -0.88
N LYS A 239 -2.71 -14.69 -0.59
CA LYS A 239 -2.06 -16.00 -0.37
C LYS A 239 -1.38 -16.46 -1.65
N ALA A 240 -2.03 -16.26 -2.81
CA ALA A 240 -1.42 -16.71 -4.06
C ALA A 240 -0.12 -15.95 -4.27
N ALA A 241 -0.14 -14.64 -4.05
CA ALA A 241 1.07 -13.78 -4.18
C ALA A 241 2.16 -14.22 -3.24
N TYR A 242 1.77 -14.48 -1.99
CA TYR A 242 2.76 -14.96 -1.01
C TYR A 242 3.39 -16.25 -1.52
N LEU A 243 2.60 -17.22 -2.00
CA LEU A 243 3.14 -18.50 -2.45
C LEU A 243 4.02 -18.28 -3.69
N ILE A 244 3.63 -17.41 -4.61
CA ILE A 244 4.50 -17.21 -5.78
C ILE A 244 5.87 -16.72 -5.32
N SER A 245 5.91 -15.79 -4.35
CA SER A 245 7.23 -15.31 -3.89
C SER A 245 7.97 -16.29 -3.04
N GLN A 246 7.30 -16.81 -2.03
CA GLN A 246 7.98 -17.53 -0.96
C GLN A 246 7.93 -19.03 -1.10
N GLY A 247 7.01 -19.54 -1.90
CA GLY A 247 6.74 -20.96 -2.03
C GLY A 247 5.97 -21.49 -0.84
N GLY A 248 5.62 -22.76 -0.94
CA GLY A 248 4.98 -23.51 0.11
C GLY A 248 4.10 -24.60 -0.41
N THR A 249 3.55 -25.39 0.51
CA THR A 249 2.54 -26.37 0.12
C THR A 249 1.29 -25.97 0.84
N HIS A 250 0.20 -25.76 0.10
CA HIS A 250 -1.04 -25.24 0.66
C HIS A 250 -2.19 -26.09 0.18
N TYR A 251 -2.96 -26.67 1.10
CA TYR A 251 -3.96 -27.66 0.79
C TYR A 251 -3.39 -28.72 -0.15
N GLY A 252 -2.17 -29.14 0.09
CA GLY A 252 -1.59 -30.26 -0.64
C GLY A 252 -0.94 -29.86 -1.94
N VAL A 253 -1.00 -28.60 -2.36
CA VAL A 253 -0.47 -28.20 -3.65
C VAL A 253 0.85 -27.44 -3.44
N SER A 254 1.94 -27.91 -4.03
CA SER A 254 3.25 -27.29 -3.75
C SER A 254 3.58 -26.24 -4.79
N VAL A 255 4.15 -25.14 -4.32
CA VAL A 255 4.53 -24.01 -5.16
C VAL A 255 6.02 -23.75 -5.00
N VAL A 256 6.76 -23.64 -6.09
CA VAL A 256 8.16 -23.24 -6.01
C VAL A 256 8.23 -21.72 -5.99
N GLY A 257 8.84 -21.18 -4.91
CA GLY A 257 8.89 -19.73 -4.83
C GLY A 257 9.87 -19.17 -5.84
N ILE A 258 9.60 -17.95 -6.33
CA ILE A 258 10.53 -17.32 -7.25
C ILE A 258 11.02 -15.98 -6.73
N GLY A 259 10.57 -15.58 -5.55
CA GLY A 259 11.10 -14.41 -4.87
C GLY A 259 10.33 -13.15 -5.13
N ARG A 260 10.55 -12.13 -4.29
CA ARG A 260 9.72 -10.95 -4.30
C ARG A 260 9.85 -10.11 -5.55
N ASP A 261 11.06 -10.00 -6.08
CA ASP A 261 11.29 -9.11 -7.19
C ASP A 261 10.53 -9.60 -8.41
N LYS A 262 10.62 -10.91 -8.65
CA LYS A 262 9.83 -11.49 -9.74
C LYS A 262 8.35 -11.42 -9.46
N LEU A 263 7.90 -11.60 -8.23
CA LEU A 263 6.46 -11.39 -7.95
C LEU A 263 6.02 -9.98 -8.38
N GLY A 264 6.80 -8.99 -7.95
CA GLY A 264 6.53 -7.59 -8.27
C GLY A 264 6.52 -7.33 -9.75
N LYS A 265 7.46 -7.89 -10.49
CA LYS A 265 7.47 -7.65 -11.94
C LYS A 265 6.26 -8.28 -12.60
N ILE A 266 5.92 -9.51 -12.15
CA ILE A 266 4.75 -10.13 -12.76
C ILE A 266 3.45 -9.40 -12.45
N PHE A 267 3.22 -9.03 -11.21
CA PHE A 267 1.97 -8.35 -10.86
C PHE A 267 1.96 -6.91 -11.33
N TYR A 268 3.08 -6.23 -11.43
CA TYR A 268 3.11 -4.86 -12.00
C TYR A 268 2.70 -4.91 -13.48
N ARG A 269 3.26 -5.87 -14.22
CA ARG A 269 2.86 -6.05 -15.62
C ARG A 269 1.41 -6.47 -15.77
N ALA A 270 0.90 -7.35 -14.93
CA ALA A 270 -0.53 -7.70 -15.01
C ALA A 270 -1.39 -6.48 -14.76
N LEU A 271 -1.04 -5.72 -13.73
CA LEU A 271 -1.82 -4.54 -13.33
C LEU A 271 -1.88 -3.50 -14.46
N THR A 272 -0.75 -3.32 -15.17
CA THR A 272 -0.62 -2.21 -16.13
C THR A 272 -0.87 -2.61 -17.55
N GLN A 273 -0.85 -3.88 -17.89
CA GLN A 273 -1.04 -4.27 -19.28
C GLN A 273 -2.19 -5.24 -19.51
N TYR A 274 -2.70 -5.91 -18.48
CA TYR A 274 -3.71 -6.94 -18.79
C TYR A 274 -5.00 -6.81 -18.00
N LEU A 275 -4.95 -6.38 -16.73
CA LEU A 275 -6.19 -6.31 -15.96
C LEU A 275 -7.04 -5.16 -16.45
N THR A 276 -8.34 -5.33 -16.25
CA THR A 276 -9.33 -4.33 -16.68
C THR A 276 -10.26 -4.02 -15.51
N PRO A 277 -11.15 -3.04 -15.62
CA PRO A 277 -11.99 -2.73 -14.47
C PRO A 277 -12.83 -3.86 -13.93
N THR A 278 -13.17 -4.81 -14.80
CA THR A 278 -14.09 -5.86 -14.35
C THR A 278 -13.39 -7.19 -14.22
N SER A 279 -12.05 -7.26 -14.21
CA SER A 279 -11.37 -8.53 -14.05
C SER A 279 -11.80 -9.30 -12.82
N ASN A 280 -12.05 -10.61 -12.99
CA ASN A 280 -12.34 -11.50 -11.87
C ASN A 280 -11.07 -12.30 -11.57
N PHE A 281 -11.17 -13.19 -10.57
CA PHE A 281 -10.00 -13.92 -10.11
C PHE A 281 -9.44 -14.82 -11.22
N SER A 282 -10.31 -15.50 -11.99
CA SER A 282 -9.86 -16.32 -13.12
CA SER A 282 -9.78 -16.35 -13.08
C SER A 282 -9.09 -15.49 -14.13
N GLN A 283 -9.63 -14.26 -14.38
CA GLN A 283 -8.96 -13.37 -15.34
C GLN A 283 -7.64 -12.87 -14.80
N LEU A 284 -7.57 -12.69 -13.49
CA LEU A 284 -6.28 -12.32 -12.90
C LEU A 284 -5.27 -13.45 -13.10
N ARG A 285 -5.67 -14.71 -12.86
CA ARG A 285 -4.77 -15.83 -13.13
C ARG A 285 -4.26 -15.78 -14.56
N ALA A 286 -5.15 -15.57 -15.53
CA ALA A 286 -4.71 -15.50 -16.93
C ALA A 286 -3.77 -14.30 -17.12
N ALA A 287 -4.05 -13.15 -16.53
CA ALA A 287 -3.15 -12.00 -16.69
C ALA A 287 -1.77 -12.25 -16.10
N ALA A 288 -1.70 -12.90 -14.94
CA ALA A 288 -0.43 -13.18 -14.30
C ALA A 288 0.37 -14.20 -15.10
N VAL A 289 -0.32 -15.24 -15.57
CA VAL A 289 0.36 -16.22 -16.42
C VAL A 289 0.89 -15.55 -17.70
N GLN A 290 0.09 -14.69 -18.33
CA GLN A 290 0.61 -14.04 -19.54
C GLN A 290 1.78 -13.10 -19.24
N SER A 291 1.67 -12.39 -18.12
CA SER A 291 2.74 -11.46 -17.75
C SER A 291 4.01 -12.25 -17.52
N ALA A 292 3.91 -13.38 -16.80
CA ALA A 292 5.10 -14.20 -16.54
C ALA A 292 5.60 -14.79 -17.86
N THR A 293 4.73 -15.04 -18.83
CA THR A 293 5.16 -15.56 -20.12
C THR A 293 5.93 -14.50 -20.88
N ASP A 294 5.41 -13.28 -20.90
CA ASP A 294 6.13 -12.20 -21.55
C ASP A 294 7.53 -11.99 -20.99
N LEU A 295 7.69 -12.09 -19.67
CA LEU A 295 8.90 -11.77 -18.96
C LEU A 295 9.89 -12.91 -19.01
N TYR A 296 9.40 -14.14 -18.90
CA TYR A 296 10.29 -15.26 -18.61
C TYR A 296 10.21 -16.37 -19.63
N GLY A 297 9.16 -16.45 -20.46
CA GLY A 297 9.01 -17.48 -21.49
C GLY A 297 7.92 -18.47 -21.07
N SER A 298 7.18 -19.04 -22.01
CA SER A 298 6.09 -19.93 -21.64
C SER A 298 6.50 -21.20 -20.90
N THR A 299 7.70 -21.74 -21.04
CA THR A 299 8.09 -22.98 -20.34
C THR A 299 8.86 -22.72 -19.05
N SER A 300 8.82 -21.46 -18.58
CA SER A 300 9.69 -21.04 -17.49
C SER A 300 9.22 -21.52 -16.12
N GLN A 301 10.17 -21.56 -15.17
CA GLN A 301 9.74 -21.84 -13.80
C GLN A 301 8.73 -20.82 -13.29
N GLU A 302 8.94 -19.56 -13.68
CA GLU A 302 8.07 -18.49 -13.20
C GLU A 302 6.63 -18.74 -13.59
N VAL A 303 6.40 -19.10 -14.84
CA VAL A 303 5.04 -19.39 -15.31
C VAL A 303 4.48 -20.58 -14.55
N ALA A 304 5.28 -21.63 -14.36
CA ALA A 304 4.83 -22.80 -13.64
C ALA A 304 4.46 -22.41 -12.22
N SER A 305 5.28 -21.54 -11.63
CA SER A 305 4.94 -21.21 -10.23
C SER A 305 3.70 -20.37 -10.07
N VAL A 306 3.46 -19.45 -11.01
CA VAL A 306 2.20 -18.71 -10.99
C VAL A 306 1.01 -19.68 -11.06
N LYS A 307 1.05 -20.65 -11.95
CA LYS A 307 -0.03 -21.63 -12.12
C LYS A 307 -0.23 -22.45 -10.85
N GLN A 308 0.85 -22.90 -10.26
CA GLN A 308 0.80 -23.68 -9.02
C GLN A 308 0.13 -22.86 -7.94
N ALA A 309 0.52 -21.59 -7.80
CA ALA A 309 -0.04 -20.73 -6.71
C ALA A 309 -1.52 -20.54 -6.87
N PHE A 310 -1.94 -20.25 -8.11
CA PHE A 310 -3.41 -20.10 -8.29
C PHE A 310 -4.10 -21.45 -8.13
N ASP A 311 -3.51 -22.56 -8.58
CA ASP A 311 -4.08 -23.86 -8.27
C ASP A 311 -4.20 -24.06 -6.76
N ALA A 312 -3.16 -23.70 -6.02
CA ALA A 312 -3.22 -23.93 -4.59
C ALA A 312 -4.37 -23.16 -3.92
N VAL A 313 -4.80 -22.01 -4.41
CA VAL A 313 -5.89 -21.24 -3.79
C VAL A 313 -7.20 -21.51 -4.53
N GLY A 314 -7.26 -22.52 -5.43
CA GLY A 314 -8.53 -22.84 -6.06
C GLY A 314 -9.01 -21.94 -7.14
N VAL A 315 -8.11 -21.16 -7.77
CA VAL A 315 -8.54 -20.23 -8.84
C VAL A 315 -8.12 -20.79 -10.19
N LYS A 316 -9.05 -21.16 -11.06
CA LYS A 316 -8.67 -21.72 -12.37
C LYS A 316 -8.80 -20.70 -13.50
CA CA B . 3.82 -5.26 7.08
CA CA C . 6.87 -4.86 9.34
CA CA D . 8.94 22.86 14.55
CA CA E . -0.17 -4.77 17.89
ZN ZN F . -7.29 -0.68 0.41
C2 BYA G . -8.37 0.77 2.39
C4 BYA G . -9.25 1.23 3.48
C5 BYA G . -9.30 0.18 4.64
N6 BYA G . -8.07 0.17 5.41
C7 BYA G . -7.13 -0.80 5.35
C9 BYA G . -5.96 -0.73 6.33
C14 BYA G . -4.72 -1.28 6.03
C13 BYA G . -3.66 -1.22 6.92
C12 BYA G . -3.86 -0.61 8.17
C11 BYA G . -5.11 -0.05 8.47
C10 BYA G . -6.16 -0.11 7.57
O8 BYA G . -7.16 -1.72 4.55
O3 BYA G . -8.63 -0.33 1.81
O1 BYA G . -7.37 1.40 2.02
S DMS H . -10.17 2.45 -3.32
O DMS H . -10.09 2.51 -5.09
C1 DMS H . -9.43 3.91 -2.65
C2 DMS H . -11.88 2.60 -2.90
C1 GOL I . -6.54 -2.26 -19.35
O1 GOL I . -5.88 -1.16 -18.63
C2 GOL I . -5.42 -3.09 -20.04
O2 GOL I . -4.75 -2.17 -20.91
C3 GOL I . -5.92 -4.27 -20.92
O3 GOL I . -6.94 -3.79 -21.78
#